data_7CAS
#
_entry.id   7CAS
#
_cell.length_a   79.779
_cell.length_b   100.219
_cell.length_c   130.090
_cell.angle_alpha   90.00
_cell.angle_beta   90.00
_cell.angle_gamma   90.00
#
_symmetry.space_group_name_H-M   'C 2 2 21'
#
loop_
_entity.id
_entity.type
_entity.pdbx_description
1 polymer 'cis-prenyltransferase MM_0014'
2 non-polymer 'MAGNESIUM ION'
3 non-polymer DIPHOSPHATE
4 non-polymer 'PALMITIC ACID'
5 non-polymer 'PHOSPHATE ION'
6 water water
#
_entity_poly.entity_id   1
_entity_poly.type   'polypeptide(L)'
_entity_poly.pdbx_seq_one_letter_code
;GPGYQMDIPKFKRLPRHIAIIPDGNRRWALARGLEKHEGYSSGIIPGLEVYDICVKIGIGEVTFFGFTQDNTKRPQIQRK
AFTDACIKSVQEIAKRDAEILVVGNTNSDIFPEELLEYTKRTKVGKGKIKINFLINYGWYWDLTYAYDNSPDGKKMIENI
ASAEIPRVDLLIRWGGRCRLSGMLPVQTVYSDIYVVDEMWPDFKPEHLFKALEFYQNQDITLGG
;
_entity_poly.pdbx_strand_id   A,B
#
# COMPACT_ATOMS: atom_id res chain seq x y z
N PHE A 11 23.88 -8.42 7.75
CA PHE A 11 22.73 -7.46 7.87
C PHE A 11 22.49 -7.13 9.35
N LYS A 12 22.34 -5.85 9.66
CA LYS A 12 22.10 -5.33 11.04
C LYS A 12 20.62 -5.55 11.40
N ARG A 13 19.71 -4.97 10.62
CA ARG A 13 18.24 -5.20 10.71
C ARG A 13 17.84 -6.24 9.66
N LEU A 14 16.90 -7.13 10.02
CA LEU A 14 16.18 -8.02 9.06
C LEU A 14 14.68 -7.88 9.28
N PRO A 15 13.86 -7.92 8.20
CA PRO A 15 12.41 -7.97 8.34
C PRO A 15 11.95 -9.37 8.78
N ARG A 16 10.95 -9.43 9.65
CA ARG A 16 10.37 -10.71 10.16
C ARG A 16 9.59 -11.38 9.03
N HIS A 17 8.89 -10.58 8.21
CA HIS A 17 7.98 -11.04 7.14
C HIS A 17 8.24 -10.25 5.85
N ILE A 18 8.64 -10.94 4.78
CA ILE A 18 8.82 -10.36 3.42
C ILE A 18 7.67 -10.83 2.53
N ALA A 19 7.03 -9.89 1.82
CA ALA A 19 6.08 -10.15 0.72
C ALA A 19 6.80 -10.03 -0.62
N ILE A 20 6.50 -10.93 -1.56
CA ILE A 20 7.08 -10.97 -2.92
C ILE A 20 5.96 -10.85 -3.95
N ILE A 21 6.01 -9.82 -4.80
CA ILE A 21 5.14 -9.69 -6.01
C ILE A 21 6.01 -9.96 -7.24
N PRO A 22 5.96 -11.20 -7.78
CA PRO A 22 6.87 -11.62 -8.85
C PRO A 22 6.34 -11.21 -10.23
N ASP A 23 6.18 -9.90 -10.45
CA ASP A 23 5.54 -9.33 -11.67
C ASP A 23 6.61 -9.20 -12.76
N GLY A 24 6.18 -9.20 -14.03
CA GLY A 24 7.02 -8.84 -15.19
C GLY A 24 7.21 -10.02 -16.15
N ASN A 25 6.48 -11.12 -15.93
CA ASN A 25 6.69 -12.42 -16.63
C ASN A 25 6.36 -12.26 -18.13
N ARG A 26 5.20 -11.67 -18.43
CA ARG A 26 4.69 -11.49 -19.83
C ARG A 26 5.63 -10.56 -20.62
N ARG A 27 6.01 -9.42 -20.02
CA ARG A 27 6.91 -8.41 -20.65
C ARG A 27 8.29 -9.04 -20.90
N TRP A 28 8.75 -9.90 -19.99
CA TRP A 28 10.06 -10.61 -20.08
C TRP A 28 10.04 -11.56 -21.27
N ALA A 29 8.95 -12.32 -21.44
CA ALA A 29 8.72 -13.25 -22.57
C ALA A 29 8.79 -12.46 -23.89
N LEU A 30 7.94 -11.44 -24.03
CA LEU A 30 7.83 -10.57 -25.25
C LEU A 30 9.22 -10.07 -25.64
N ALA A 31 9.99 -9.58 -24.68
CA ALA A 31 11.30 -8.89 -24.88
C ALA A 31 12.36 -9.90 -25.36
N ARG A 32 12.09 -11.20 -25.21
CA ARG A 32 12.99 -12.31 -25.66
C ARG A 32 12.36 -13.02 -26.86
N GLY A 33 11.35 -12.40 -27.49
CA GLY A 33 10.64 -12.96 -28.66
C GLY A 33 9.97 -14.29 -28.34
N LEU A 34 9.37 -14.39 -27.15
CA LEU A 34 8.44 -15.48 -26.76
C LEU A 34 7.01 -14.92 -26.70
N GLU A 35 6.02 -15.79 -26.57
CA GLU A 35 4.59 -15.42 -26.39
C GLU A 35 4.37 -15.01 -24.92
N LYS A 36 3.39 -14.12 -24.68
CA LYS A 36 3.12 -13.53 -23.33
C LYS A 36 3.10 -14.63 -22.27
N HIS A 37 2.46 -15.77 -22.58
CA HIS A 37 2.06 -16.83 -21.61
C HIS A 37 3.27 -17.69 -21.21
N GLU A 38 4.41 -17.52 -21.89
CA GLU A 38 5.56 -18.47 -21.87
C GLU A 38 6.62 -17.98 -20.84
N GLY A 39 6.37 -16.83 -20.21
CA GLY A 39 7.29 -16.21 -19.24
C GLY A 39 7.21 -16.89 -17.88
N TYR A 40 6.01 -17.31 -17.48
CA TYR A 40 5.65 -17.70 -16.09
C TYR A 40 6.54 -18.86 -15.61
N SER A 41 6.77 -19.84 -16.50
CA SER A 41 7.56 -21.07 -16.21
C SER A 41 9.01 -20.70 -15.84
N SER A 42 9.50 -19.57 -16.35
CA SER A 42 10.84 -19.00 -16.03
C SER A 42 10.78 -18.25 -14.69
N GLY A 43 9.60 -18.23 -14.05
CA GLY A 43 9.36 -17.56 -12.75
C GLY A 43 9.49 -18.51 -11.57
N ILE A 44 9.66 -19.81 -11.84
CA ILE A 44 9.64 -20.89 -10.81
C ILE A 44 10.96 -20.87 -10.05
N ILE A 45 12.09 -20.94 -10.78
CA ILE A 45 13.47 -21.03 -10.21
C ILE A 45 13.74 -19.79 -9.34
N PRO A 46 13.45 -18.56 -9.83
CA PRO A 46 13.65 -17.34 -9.04
C PRO A 46 13.04 -17.43 -7.62
N GLY A 47 11.81 -17.93 -7.52
CA GLY A 47 11.16 -18.25 -6.24
C GLY A 47 12.05 -19.11 -5.36
N LEU A 48 12.57 -20.21 -5.93
CA LEU A 48 13.46 -21.18 -5.24
C LEU A 48 14.69 -20.43 -4.70
N GLU A 49 15.22 -19.48 -5.48
CA GLU A 49 16.44 -18.70 -5.14
C GLU A 49 16.13 -17.78 -3.95
N VAL A 50 15.01 -17.03 -4.03
CA VAL A 50 14.52 -16.14 -2.93
C VAL A 50 14.42 -16.97 -1.64
N TYR A 51 13.81 -18.16 -1.73
CA TYR A 51 13.65 -19.11 -0.60
C TYR A 51 15.02 -19.43 0.00
N ASP A 52 15.92 -20.01 -0.80
CA ASP A 52 17.29 -20.43 -0.38
C ASP A 52 17.92 -19.30 0.41
N ILE A 53 17.95 -18.09 -0.16
CA ILE A 53 18.61 -16.88 0.42
C ILE A 53 17.92 -16.54 1.74
N CYS A 54 16.59 -16.59 1.76
CA CYS A 54 15.74 -16.23 2.94
C CYS A 54 16.01 -17.20 4.09
N VAL A 55 16.08 -18.50 3.79
CA VAL A 55 16.43 -19.58 4.76
C VAL A 55 17.85 -19.34 5.28
N LYS A 56 18.78 -19.03 4.36
CA LYS A 56 20.23 -18.85 4.65
C LYS A 56 20.40 -17.81 5.77
N ILE A 57 19.85 -16.60 5.59
CA ILE A 57 20.05 -15.42 6.50
C ILE A 57 19.03 -15.49 7.65
N GLY A 58 17.99 -16.32 7.51
CA GLY A 58 17.08 -16.70 8.61
C GLY A 58 15.86 -15.78 8.68
N ILE A 59 15.27 -15.45 7.52
CA ILE A 59 13.97 -14.74 7.42
C ILE A 59 12.87 -15.67 7.95
N GLY A 60 12.04 -15.16 8.86
CA GLY A 60 10.97 -15.92 9.53
C GLY A 60 9.90 -16.37 8.55
N GLU A 61 9.44 -15.46 7.70
CA GLU A 61 8.22 -15.63 6.87
C GLU A 61 8.40 -14.93 5.53
N VAL A 62 8.06 -15.62 4.44
CA VAL A 62 7.94 -15.05 3.06
C VAL A 62 6.55 -15.39 2.53
N THR A 63 5.85 -14.38 1.99
CA THR A 63 4.55 -14.51 1.29
C THR A 63 4.74 -14.15 -0.19
N PHE A 64 4.54 -15.14 -1.07
CA PHE A 64 4.54 -14.97 -2.55
C PHE A 64 3.13 -14.63 -3.02
N PHE A 65 3.00 -13.57 -3.81
CA PHE A 65 1.81 -13.29 -4.66
C PHE A 65 1.82 -14.25 -5.85
N GLY A 66 0.94 -15.26 -5.81
CA GLY A 66 0.76 -16.25 -6.89
C GLY A 66 -0.06 -15.67 -8.03
N PHE A 67 -1.39 -15.68 -7.88
CA PHE A 67 -2.35 -14.98 -8.77
C PHE A 67 -3.59 -14.61 -7.97
N THR A 68 -4.37 -13.65 -8.47
CA THR A 68 -5.60 -13.12 -7.82
C THR A 68 -6.83 -13.60 -8.60
N GLN A 69 -8.03 -13.32 -8.08
CA GLN A 69 -9.33 -13.53 -8.76
C GLN A 69 -9.48 -12.52 -9.91
N ASP A 70 -8.63 -11.48 -9.92
CA ASP A 70 -8.55 -10.47 -11.01
C ASP A 70 -7.68 -11.02 -12.16
N ASN A 71 -6.65 -11.82 -11.82
CA ASN A 71 -5.68 -12.41 -12.78
C ASN A 71 -6.37 -13.49 -13.62
N THR A 72 -7.54 -13.96 -13.17
CA THR A 72 -8.31 -15.06 -13.80
C THR A 72 -9.20 -14.50 -14.93
N LYS A 73 -9.28 -13.16 -15.02
CA LYS A 73 -10.03 -12.44 -16.09
C LYS A 73 -9.14 -12.34 -17.35
N ARG A 74 -7.84 -12.61 -17.21
CA ARG A 74 -6.85 -12.63 -18.32
C ARG A 74 -7.15 -13.81 -19.25
N PRO A 75 -6.62 -13.81 -20.49
CA PRO A 75 -6.84 -14.93 -21.43
C PRO A 75 -6.52 -16.30 -20.80
N GLN A 76 -7.08 -17.37 -21.38
CA GLN A 76 -7.11 -18.74 -20.80
C GLN A 76 -5.72 -19.38 -20.91
N ILE A 77 -4.98 -19.09 -21.99
CA ILE A 77 -3.62 -19.62 -22.26
C ILE A 77 -2.66 -19.10 -21.18
N GLN A 78 -2.91 -17.88 -20.68
CA GLN A 78 -2.08 -17.21 -19.64
C GLN A 78 -2.41 -17.80 -18.26
N ARG A 79 -3.70 -17.91 -17.93
CA ARG A 79 -4.21 -18.48 -16.64
C ARG A 79 -3.64 -19.89 -16.45
N LYS A 80 -3.81 -20.75 -17.46
CA LYS A 80 -3.21 -22.10 -17.55
C LYS A 80 -1.75 -22.03 -17.07
N ALA A 81 -0.96 -21.12 -17.66
CA ALA A 81 0.52 -21.05 -17.54
C ALA A 81 0.89 -20.67 -16.09
N PHE A 82 0.33 -19.59 -15.56
CA PHE A 82 0.75 -18.97 -14.25
C PHE A 82 0.18 -19.81 -13.09
N THR A 83 -0.92 -20.51 -13.34
CA THR A 83 -1.50 -21.52 -12.41
C THR A 83 -0.53 -22.70 -12.29
N ASP A 84 -0.08 -23.22 -13.43
CA ASP A 84 0.88 -24.37 -13.52
C ASP A 84 2.20 -23.97 -12.87
N ALA A 85 2.69 -22.76 -13.14
CA ALA A 85 3.94 -22.19 -12.59
C ALA A 85 3.84 -22.11 -11.05
N CYS A 86 2.68 -21.74 -10.53
CA CYS A 86 2.40 -21.60 -9.08
C CYS A 86 2.36 -22.98 -8.41
N ILE A 87 1.57 -23.90 -8.98
CA ILE A 87 1.49 -25.33 -8.56
C ILE A 87 2.91 -25.89 -8.43
N LYS A 88 3.75 -25.65 -9.43
CA LYS A 88 5.13 -26.21 -9.54
C LYS A 88 6.03 -25.56 -8.48
N SER A 89 5.86 -24.25 -8.25
CA SER A 89 6.61 -23.46 -7.25
C SER A 89 6.36 -24.02 -5.85
N VAL A 90 5.08 -24.21 -5.49
CA VAL A 90 4.64 -24.74 -4.17
C VAL A 90 5.20 -26.16 -4.01
N GLN A 91 4.98 -27.01 -5.02
CA GLN A 91 5.38 -28.45 -5.02
C GLN A 91 6.90 -28.54 -4.84
N GLU A 92 7.65 -27.59 -5.39
CA GLU A 92 9.14 -27.55 -5.35
C GLU A 92 9.61 -27.09 -3.96
N ILE A 93 8.85 -26.17 -3.34
CA ILE A 93 9.10 -25.67 -1.96
C ILE A 93 8.69 -26.75 -0.95
N ALA A 94 7.66 -27.54 -1.29
CA ALA A 94 7.13 -28.67 -0.48
C ALA A 94 8.20 -29.74 -0.32
N LYS A 95 9.10 -29.86 -1.30
CA LYS A 95 10.27 -30.79 -1.26
C LYS A 95 11.24 -30.38 -0.15
N ARG A 96 11.41 -29.06 0.05
CA ARG A 96 12.47 -28.47 0.92
C ARG A 96 11.96 -28.42 2.37
N ASP A 97 12.61 -27.59 3.21
CA ASP A 97 12.38 -27.50 4.67
C ASP A 97 11.62 -26.21 4.98
N ALA A 98 10.28 -26.26 4.99
CA ALA A 98 9.39 -25.08 5.03
C ALA A 98 8.07 -25.45 5.72
N GLU A 99 7.45 -24.49 6.41
CA GLU A 99 6.03 -24.52 6.82
C GLU A 99 5.21 -23.78 5.77
N ILE A 100 4.48 -24.53 4.93
CA ILE A 100 3.79 -24.00 3.70
C ILE A 100 2.32 -23.73 4.03
N LEU A 101 1.82 -22.54 3.68
CA LEU A 101 0.39 -22.19 3.70
C LEU A 101 -0.01 -21.59 2.35
N VAL A 102 -1.15 -22.00 1.81
CA VAL A 102 -1.80 -21.38 0.63
C VAL A 102 -3.11 -20.71 1.08
N VAL A 103 -3.26 -19.42 0.78
CA VAL A 103 -4.48 -18.63 1.11
C VAL A 103 -5.12 -18.15 -0.20
N GLY A 104 -6.43 -18.35 -0.34
CA GLY A 104 -7.20 -17.98 -1.52
C GLY A 104 -8.60 -18.57 -1.48
N ASN A 105 -9.44 -18.22 -2.45
CA ASN A 105 -10.84 -18.70 -2.57
C ASN A 105 -10.83 -20.14 -3.11
N THR A 106 -11.04 -21.12 -2.22
CA THR A 106 -11.05 -22.57 -2.55
C THR A 106 -12.45 -22.98 -3.02
N ASN A 107 -13.46 -22.12 -2.79
CA ASN A 107 -14.86 -22.32 -3.25
C ASN A 107 -15.00 -21.82 -4.70
N SER A 108 -14.24 -22.43 -5.61
CA SER A 108 -14.17 -22.05 -7.04
C SER A 108 -13.52 -23.18 -7.86
N ASP A 109 -14.02 -23.41 -9.07
CA ASP A 109 -13.39 -24.30 -10.09
C ASP A 109 -11.93 -23.91 -10.26
N ILE A 110 -11.63 -22.62 -10.17
CA ILE A 110 -10.35 -22.00 -10.64
C ILE A 110 -9.21 -22.46 -9.73
N PHE A 111 -9.49 -22.63 -8.43
CA PHE A 111 -8.49 -23.05 -7.41
C PHE A 111 -7.98 -24.44 -7.75
N PRO A 112 -6.64 -24.62 -7.86
CA PRO A 112 -6.07 -25.92 -8.24
C PRO A 112 -6.18 -26.93 -7.10
N GLU A 113 -6.86 -28.06 -7.37
CA GLU A 113 -7.03 -29.22 -6.44
C GLU A 113 -5.67 -29.54 -5.81
N GLU A 114 -4.58 -29.38 -6.57
CA GLU A 114 -3.21 -29.84 -6.22
C GLU A 114 -2.71 -29.11 -4.96
N LEU A 115 -3.37 -27.99 -4.60
CA LEU A 115 -2.87 -27.04 -3.56
C LEU A 115 -3.84 -26.99 -2.38
N LEU A 116 -4.94 -27.75 -2.43
CA LEU A 116 -6.00 -27.77 -1.38
C LEU A 116 -5.40 -28.24 -0.05
N GLU A 117 -4.39 -29.12 -0.10
CA GLU A 117 -3.79 -29.79 1.09
C GLU A 117 -2.92 -28.80 1.87
N TYR A 118 -2.57 -27.66 1.25
CA TYR A 118 -1.63 -26.65 1.80
C TYR A 118 -2.42 -25.47 2.40
N THR A 119 -3.75 -25.54 2.36
CA THR A 119 -4.68 -24.46 2.81
C THR A 119 -4.80 -24.49 4.34
N LYS A 120 -4.19 -25.49 4.98
CA LYS A 120 -3.77 -25.47 6.40
C LYS A 120 -2.26 -25.65 6.47
N ARG A 121 -1.57 -24.79 7.22
CA ARG A 121 -0.08 -24.72 7.22
C ARG A 121 0.49 -26.13 7.38
N THR A 122 1.42 -26.52 6.50
CA THR A 122 1.95 -27.90 6.34
C THR A 122 3.47 -27.87 6.45
N LYS A 123 4.01 -28.42 7.56
CA LYS A 123 5.47 -28.59 7.77
C LYS A 123 5.99 -29.68 6.83
N VAL A 124 7.11 -29.41 6.13
CA VAL A 124 7.84 -30.37 5.26
C VAL A 124 9.32 -30.29 5.61
N GLY A 125 10.03 -31.43 5.54
CA GLY A 125 11.45 -31.56 5.95
C GLY A 125 11.67 -31.09 7.38
N LYS A 126 12.63 -30.17 7.57
CA LYS A 126 13.04 -29.64 8.90
C LYS A 126 12.19 -28.41 9.26
N GLY A 127 11.47 -27.85 8.28
CA GLY A 127 10.52 -26.73 8.46
C GLY A 127 11.22 -25.43 8.80
N LYS A 128 10.97 -24.90 10.01
CA LYS A 128 11.42 -23.56 10.47
C LYS A 128 10.68 -22.47 9.69
N ILE A 129 11.23 -22.06 8.52
CA ILE A 129 10.76 -20.87 7.74
C ILE A 129 9.31 -21.10 7.30
N LYS A 130 8.48 -20.05 7.40
CA LYS A 130 7.08 -20.04 6.92
C LYS A 130 7.04 -19.44 5.50
N ILE A 131 6.59 -20.22 4.53
CA ILE A 131 6.35 -19.78 3.13
C ILE A 131 4.84 -19.79 2.88
N ASN A 132 4.28 -18.62 2.56
CA ASN A 132 2.85 -18.45 2.20
C ASN A 132 2.74 -18.23 0.69
N PHE A 133 1.64 -18.66 0.09
CA PHE A 133 1.26 -18.40 -1.32
C PHE A 133 -0.17 -17.86 -1.36
N LEU A 134 -0.39 -16.75 -2.07
CA LEU A 134 -1.72 -16.20 -2.41
C LEU A 134 -2.17 -16.80 -3.75
N ILE A 135 -3.13 -17.72 -3.72
CA ILE A 135 -3.59 -18.52 -4.89
C ILE A 135 -5.11 -18.35 -5.05
N ASN A 136 -5.54 -17.71 -6.14
CA ASN A 136 -6.93 -17.25 -6.35
C ASN A 136 -7.32 -16.33 -5.19
N TYR A 137 -6.41 -15.42 -4.82
CA TYR A 137 -6.59 -14.42 -3.73
C TYR A 137 -7.35 -13.20 -4.28
N GLY A 138 -8.03 -12.48 -3.40
CA GLY A 138 -8.66 -11.18 -3.68
C GLY A 138 -8.85 -10.38 -2.42
N TRP A 139 -8.39 -9.12 -2.41
CA TRP A 139 -8.42 -8.21 -1.23
C TRP A 139 -9.85 -8.11 -0.69
N TYR A 140 -10.83 -7.96 -1.60
CA TYR A 140 -12.27 -7.81 -1.28
C TYR A 140 -12.79 -9.10 -0.64
N TRP A 141 -12.47 -10.25 -1.25
CA TRP A 141 -12.75 -11.60 -0.70
C TRP A 141 -12.13 -11.74 0.70
N ASP A 142 -10.88 -11.29 0.87
CA ASP A 142 -10.10 -11.41 2.13
C ASP A 142 -10.83 -10.66 3.25
N LEU A 143 -11.23 -9.41 2.99
CA LEU A 143 -11.81 -8.49 4.01
C LEU A 143 -13.24 -8.92 4.35
N THR A 144 -14.02 -9.32 3.34
CA THR A 144 -15.47 -9.64 3.46
C THR A 144 -15.65 -11.03 4.09
N TYR A 145 -14.61 -11.88 4.03
CA TYR A 145 -14.57 -13.22 4.68
C TYR A 145 -14.92 -13.07 6.16
N ALA A 146 -14.56 -11.94 6.77
CA ALA A 146 -14.74 -11.62 8.20
C ALA A 146 -16.21 -11.24 8.47
N TYR A 147 -16.87 -10.61 7.50
CA TYR A 147 -18.25 -10.06 7.60
C TYR A 147 -19.28 -11.20 7.48
N ASP A 148 -18.81 -12.45 7.51
CA ASP A 148 -19.65 -13.67 7.54
C ASP A 148 -20.51 -13.66 8.82
N ASN A 149 -19.94 -14.09 9.94
CA ASN A 149 -20.64 -14.24 11.25
C ASN A 149 -19.71 -13.77 12.37
N SER A 150 -19.24 -12.52 12.29
CA SER A 150 -18.37 -11.85 13.30
C SER A 150 -19.20 -10.85 14.11
N PRO A 151 -19.38 -11.09 15.43
CA PRO A 151 -20.34 -10.31 16.22
C PRO A 151 -19.91 -8.85 16.50
N ASP A 152 -18.63 -8.51 16.26
CA ASP A 152 -18.07 -7.15 16.49
C ASP A 152 -16.93 -6.87 15.49
N GLY A 153 -16.26 -5.72 15.65
CA GLY A 153 -15.13 -5.29 14.81
C GLY A 153 -13.82 -5.92 15.25
N LYS A 154 -13.59 -5.99 16.57
CA LYS A 154 -12.41 -6.67 17.20
C LYS A 154 -12.28 -8.08 16.62
N LYS A 155 -13.41 -8.69 16.24
CA LYS A 155 -13.48 -10.02 15.56
C LYS A 155 -12.93 -9.88 14.14
N MET A 156 -13.56 -9.03 13.32
CA MET A 156 -13.36 -8.97 11.84
C MET A 156 -11.88 -9.18 11.51
N ILE A 157 -11.02 -8.28 11.98
CA ILE A 157 -9.55 -8.27 11.69
C ILE A 157 -8.97 -9.66 11.93
N GLU A 158 -9.40 -10.33 13.00
CA GLU A 158 -8.89 -11.66 13.44
C GLU A 158 -9.46 -12.75 12.52
N ASN A 159 -10.49 -12.42 11.74
CA ASN A 159 -11.36 -13.40 11.03
C ASN A 159 -11.33 -13.15 9.51
N ILE A 160 -10.48 -12.22 9.03
CA ILE A 160 -10.15 -12.06 7.58
C ILE A 160 -9.51 -13.37 7.09
N ALA A 161 -9.76 -13.73 5.84
CA ALA A 161 -9.30 -15.00 5.21
C ALA A 161 -7.79 -15.18 5.43
N SER A 162 -7.03 -14.08 5.45
CA SER A 162 -5.54 -14.07 5.49
C SER A 162 -5.04 -13.91 6.94
N ALA A 163 -5.91 -14.17 7.92
CA ALA A 163 -5.66 -13.88 9.36
C ALA A 163 -4.35 -14.53 9.81
N GLU A 164 -4.04 -15.73 9.30
CA GLU A 164 -2.87 -16.56 9.71
C GLU A 164 -1.58 -15.89 9.23
N ILE A 165 -1.67 -15.04 8.20
CA ILE A 165 -0.52 -14.27 7.65
C ILE A 165 -0.39 -12.97 8.44
N PRO A 166 0.74 -12.78 9.17
CA PRO A 166 0.92 -11.59 9.99
C PRO A 166 1.38 -10.37 9.16
N ARG A 167 1.52 -9.22 9.84
CA ARG A 167 1.98 -7.93 9.26
C ARG A 167 3.18 -8.17 8.34
N VAL A 168 3.22 -7.47 7.21
CA VAL A 168 4.36 -7.47 6.23
C VAL A 168 5.27 -6.29 6.52
N ASP A 169 6.57 -6.56 6.73
CA ASP A 169 7.60 -5.54 7.08
C ASP A 169 8.19 -4.95 5.79
N LEU A 170 8.55 -5.83 4.85
CA LEU A 170 9.20 -5.46 3.56
C LEU A 170 8.48 -6.16 2.41
N LEU A 171 7.91 -5.38 1.47
CA LEU A 171 7.32 -5.87 0.21
C LEU A 171 8.27 -5.55 -0.95
N ILE A 172 8.71 -6.57 -1.69
CA ILE A 172 9.60 -6.43 -2.88
C ILE A 172 8.81 -6.83 -4.13
N ARG A 173 8.65 -5.90 -5.07
CA ARG A 173 7.88 -6.09 -6.33
C ARG A 173 8.84 -5.95 -7.53
N TRP A 174 8.86 -6.97 -8.39
CA TRP A 174 9.61 -6.96 -9.68
C TRP A 174 8.71 -6.41 -10.79
N GLY A 175 9.31 -5.90 -11.87
CA GLY A 175 8.60 -5.43 -13.07
C GLY A 175 8.34 -3.92 -13.04
N GLY A 176 8.91 -3.23 -12.05
CA GLY A 176 9.16 -1.77 -12.08
C GLY A 176 7.90 -0.95 -11.77
N ARG A 177 6.78 -1.60 -11.45
CA ARG A 177 5.51 -0.93 -11.04
C ARG A 177 5.47 -0.83 -9.51
N CYS A 178 5.25 0.38 -8.99
CA CYS A 178 5.05 0.67 -7.54
C CYS A 178 3.55 0.67 -7.21
N ARG A 179 3.01 -0.51 -6.91
CA ARG A 179 1.60 -0.72 -6.45
C ARG A 179 1.50 -2.08 -5.77
N LEU A 180 0.45 -2.29 -4.98
CA LEU A 180 0.27 -3.50 -4.13
C LEU A 180 -0.53 -4.56 -4.89
N SER A 181 -1.29 -4.14 -5.90
CA SER A 181 -2.19 -5.01 -6.72
C SER A 181 -3.13 -5.80 -5.80
N GLY A 182 -3.52 -5.20 -4.68
CA GLY A 182 -4.54 -5.74 -3.74
C GLY A 182 -3.97 -6.87 -2.90
N MET A 183 -2.67 -6.87 -2.64
CA MET A 183 -1.99 -7.86 -1.78
C MET A 183 -2.15 -7.46 -0.31
N LEU A 184 -2.96 -8.21 0.45
CA LEU A 184 -2.98 -8.20 1.93
C LEU A 184 -3.11 -6.77 2.44
N PRO A 185 -4.20 -6.05 2.11
CA PRO A 185 -4.34 -4.64 2.47
C PRO A 185 -4.13 -4.39 3.98
N VAL A 186 -4.61 -5.30 4.82
CA VAL A 186 -4.48 -5.23 6.31
C VAL A 186 -3.01 -5.33 6.69
N GLN A 187 -2.27 -6.24 6.06
CA GLN A 187 -0.90 -6.64 6.49
C GLN A 187 0.14 -5.66 5.92
N THR A 188 -0.25 -4.82 4.95
CA THR A 188 0.68 -3.99 4.14
C THR A 188 0.57 -2.50 4.53
N VAL A 189 -0.24 -2.17 5.54
CA VAL A 189 -0.56 -0.76 5.95
C VAL A 189 0.75 0.00 6.22
N TYR A 190 1.74 -0.66 6.85
CA TYR A 190 3.03 -0.05 7.29
C TYR A 190 4.22 -0.67 6.54
N SER A 191 3.93 -1.49 5.51
CA SER A 191 4.95 -2.22 4.72
C SER A 191 5.81 -1.23 3.93
N ASP A 192 7.13 -1.31 4.09
CA ASP A 192 8.13 -0.63 3.23
C ASP A 192 8.16 -1.35 1.87
N ILE A 193 7.98 -0.60 0.79
CA ILE A 193 7.86 -1.13 -0.59
C ILE A 193 9.15 -0.81 -1.35
N TYR A 194 9.85 -1.86 -1.80
CA TYR A 194 11.05 -1.77 -2.68
C TYR A 194 10.70 -2.34 -4.06
N VAL A 195 10.91 -1.54 -5.10
CA VAL A 195 10.59 -1.89 -6.51
C VAL A 195 11.89 -2.26 -7.24
N VAL A 196 11.94 -3.47 -7.80
CA VAL A 196 12.98 -3.89 -8.78
C VAL A 196 12.46 -3.61 -10.20
N ASP A 197 13.24 -2.89 -11.00
CA ASP A 197 12.86 -2.47 -12.39
C ASP A 197 12.85 -3.72 -13.28
N GLU A 198 13.80 -4.63 -13.08
CA GLU A 198 13.94 -5.89 -13.85
C GLU A 198 12.70 -6.77 -13.61
N MET A 199 12.26 -7.49 -14.65
CA MET A 199 11.13 -8.45 -14.59
C MET A 199 11.53 -9.64 -13.71
N TRP A 200 10.54 -10.36 -13.18
CA TRP A 200 10.70 -11.40 -12.13
C TRP A 200 11.65 -12.50 -12.63
N PRO A 201 11.49 -12.99 -13.88
CA PRO A 201 12.39 -14.03 -14.41
C PRO A 201 13.86 -13.60 -14.49
N ASP A 202 14.12 -12.28 -14.42
CA ASP A 202 15.49 -11.69 -14.48
C ASP A 202 16.04 -11.51 -13.07
N PHE A 203 15.43 -12.16 -12.08
CA PHE A 203 15.84 -12.13 -10.65
C PHE A 203 17.35 -12.38 -10.53
N LYS A 204 18.03 -11.53 -9.76
CA LYS A 204 19.42 -11.74 -9.28
C LYS A 204 19.43 -11.59 -7.76
N PRO A 205 20.23 -12.38 -7.02
CA PRO A 205 20.35 -12.23 -5.57
C PRO A 205 20.50 -10.76 -5.17
N GLU A 206 21.27 -9.99 -5.96
CA GLU A 206 21.58 -8.56 -5.72
C GLU A 206 20.26 -7.78 -5.48
N HIS A 207 19.19 -8.16 -6.18
CA HIS A 207 17.83 -7.57 -6.05
C HIS A 207 17.35 -7.67 -4.59
N LEU A 208 17.41 -8.88 -4.02
CA LEU A 208 16.95 -9.20 -2.65
C LEU A 208 17.88 -8.52 -1.63
N PHE A 209 19.19 -8.55 -1.88
CA PHE A 209 20.25 -7.99 -0.98
C PHE A 209 20.08 -6.47 -0.88
N LYS A 210 19.81 -5.81 -2.00
CA LYS A 210 19.58 -4.34 -2.08
C LYS A 210 18.29 -4.01 -1.32
N ALA A 211 17.24 -4.83 -1.47
CA ALA A 211 15.93 -4.67 -0.81
C ALA A 211 16.11 -4.77 0.71
N LEU A 212 17.00 -5.67 1.15
CA LEU A 212 17.31 -5.89 2.59
C LEU A 212 18.19 -4.75 3.12
N GLU A 213 19.04 -4.17 2.26
CA GLU A 213 19.84 -2.96 2.57
C GLU A 213 18.90 -1.77 2.77
N PHE A 214 18.00 -1.55 1.81
CA PHE A 214 16.93 -0.51 1.87
C PHE A 214 16.23 -0.56 3.23
N TYR A 215 15.77 -1.75 3.63
CA TYR A 215 15.01 -1.99 4.89
C TYR A 215 15.90 -1.67 6.09
N GLN A 216 17.11 -2.23 6.10
CA GLN A 216 18.14 -1.99 7.15
C GLN A 216 18.39 -0.48 7.27
N ASN A 217 18.32 0.25 6.15
CA ASN A 217 18.76 1.66 6.03
C ASN A 217 17.66 2.61 6.55
N GLN A 218 16.44 2.09 6.75
CA GLN A 218 15.28 2.89 7.21
C GLN A 218 15.58 3.47 8.61
N ASP A 219 15.14 4.70 8.86
CA ASP A 219 15.32 5.41 10.14
C ASP A 219 14.19 4.99 11.09
N ILE A 220 14.54 4.39 12.24
CA ILE A 220 13.58 3.74 13.19
C ILE A 220 13.06 4.78 14.17
N THR A 221 13.58 6.02 14.11
CA THR A 221 13.15 7.17 14.96
C THR A 221 11.80 7.71 14.45
N LEU A 222 11.42 7.36 13.22
CA LEU A 222 10.42 8.10 12.39
C LEU A 222 9.01 7.56 12.65
N GLY A 223 8.90 6.41 13.32
CA GLY A 223 7.62 5.75 13.65
C GLY A 223 6.94 5.17 12.40
N GLY A 224 5.63 4.93 12.48
CA GLY A 224 4.83 4.31 11.40
C GLY A 224 4.74 5.20 10.17
N ILE B 8 3.69 25.08 -16.44
CA ILE B 8 2.84 23.85 -16.32
C ILE B 8 2.88 23.08 -17.65
N PRO B 9 3.44 21.85 -17.67
CA PRO B 9 3.45 21.04 -18.89
C PRO B 9 2.05 20.49 -19.24
N LYS B 10 1.87 20.07 -20.49
CA LYS B 10 0.59 19.51 -21.01
C LYS B 10 0.58 17.99 -20.78
N PHE B 11 -0.53 17.46 -20.26
CA PHE B 11 -0.66 16.05 -19.80
C PHE B 11 -1.67 15.32 -20.70
N LYS B 12 -1.32 14.10 -21.13
CA LYS B 12 -2.18 13.20 -21.93
C LYS B 12 -3.18 12.51 -21.00
N ARG B 13 -2.68 11.83 -19.96
CA ARG B 13 -3.49 11.19 -18.89
C ARG B 13 -3.45 12.07 -17.63
N LEU B 14 -4.57 12.11 -16.89
CA LEU B 14 -4.64 12.72 -15.53
C LEU B 14 -5.40 11.77 -14.60
N PRO B 15 -4.89 11.55 -13.37
CA PRO B 15 -5.62 10.76 -12.38
C PRO B 15 -6.87 11.51 -11.88
N ARG B 16 -7.97 10.78 -11.69
CA ARG B 16 -9.26 11.31 -11.17
C ARG B 16 -9.09 11.69 -9.69
N HIS B 17 -8.39 10.85 -8.93
CA HIS B 17 -8.20 10.99 -7.46
C HIS B 17 -6.71 10.87 -7.12
N ILE B 18 -6.15 11.93 -6.51
CA ILE B 18 -4.75 11.95 -5.99
C ILE B 18 -4.78 11.90 -4.46
N ALA B 19 -3.96 11.04 -3.88
CA ALA B 19 -3.66 11.00 -2.43
C ALA B 19 -2.30 11.67 -2.19
N ILE B 20 -2.23 12.50 -1.15
CA ILE B 20 -1.01 13.23 -0.72
C ILE B 20 -0.64 12.78 0.69
N ILE B 21 0.57 12.25 0.86
CA ILE B 21 1.20 12.03 2.19
C ILE B 21 2.29 13.08 2.38
N PRO B 22 2.00 14.15 3.15
CA PRO B 22 2.93 15.28 3.28
C PRO B 22 3.94 15.06 4.40
N ASP B 23 4.80 14.06 4.24
CA ASP B 23 5.73 13.56 5.29
C ASP B 23 7.09 14.24 5.11
N GLY B 24 7.91 14.27 6.17
CA GLY B 24 9.29 14.80 6.15
C GLY B 24 9.43 16.07 6.98
N ASN B 25 8.36 16.51 7.64
CA ASN B 25 8.26 17.82 8.32
C ASN B 25 9.36 17.91 9.40
N ARG B 26 9.50 16.87 10.22
CA ARG B 26 10.38 16.86 11.42
C ARG B 26 11.84 16.91 10.97
N ARG B 27 12.22 16.03 10.03
CA ARG B 27 13.60 15.95 9.45
C ARG B 27 13.96 17.29 8.83
N TRP B 28 13.02 17.92 8.13
CA TRP B 28 13.20 19.25 7.47
C TRP B 28 13.59 20.30 8.52
N ALA B 29 12.89 20.32 9.65
CA ALA B 29 13.13 21.25 10.79
C ALA B 29 14.53 20.99 11.38
N LEU B 30 14.86 19.72 11.63
CA LEU B 30 16.16 19.29 12.23
C LEU B 30 17.32 19.76 11.34
N ALA B 31 17.19 19.57 10.02
CA ALA B 31 18.25 19.83 9.01
C ALA B 31 18.54 21.34 8.93
N ARG B 32 17.61 22.17 9.44
CA ARG B 32 17.71 23.65 9.44
C ARG B 32 17.93 24.15 10.86
N GLY B 33 18.25 23.24 11.80
CA GLY B 33 18.65 23.57 13.18
C GLY B 33 17.48 24.05 14.01
N LEU B 34 16.25 23.71 13.61
CA LEU B 34 14.99 23.97 14.37
C LEU B 34 14.65 22.74 15.21
N GLU B 35 13.72 22.89 16.15
CA GLU B 35 13.17 21.77 16.97
C GLU B 35 12.30 20.88 16.08
N LYS B 36 12.10 19.62 16.48
CA LYS B 36 11.39 18.57 15.68
C LYS B 36 10.01 19.06 15.29
N HIS B 37 9.36 19.84 16.18
CA HIS B 37 7.92 20.20 16.10
C HIS B 37 7.72 21.41 15.18
N GLU B 38 8.82 22.06 14.74
CA GLU B 38 8.81 23.43 14.17
C GLU B 38 8.80 23.36 12.63
N GLY B 39 8.53 22.18 12.06
CA GLY B 39 8.51 21.94 10.61
C GLY B 39 7.10 21.96 10.05
N TYR B 40 6.11 21.60 10.87
CA TYR B 40 4.72 21.29 10.43
C TYR B 40 4.07 22.55 9.85
N SER B 41 4.23 23.70 10.53
CA SER B 41 3.66 25.01 10.15
C SER B 41 4.11 25.38 8.73
N SER B 42 5.32 24.94 8.34
CA SER B 42 5.91 25.17 7.00
C SER B 42 5.28 24.22 5.97
N GLY B 43 4.33 23.38 6.41
CA GLY B 43 3.62 22.41 5.56
C GLY B 43 2.35 22.99 4.96
N ILE B 44 1.89 24.14 5.48
CA ILE B 44 0.53 24.69 5.20
C ILE B 44 0.47 25.21 3.76
N ILE B 45 1.45 26.04 3.37
CA ILE B 45 1.48 26.73 2.04
C ILE B 45 1.65 25.67 0.94
N PRO B 46 2.59 24.70 1.08
CA PRO B 46 2.71 23.61 0.12
C PRO B 46 1.36 22.91 -0.19
N GLY B 47 0.54 22.72 0.84
CA GLY B 47 -0.84 22.23 0.70
C GLY B 47 -1.65 23.12 -0.23
N LEU B 48 -1.50 24.44 -0.08
CA LEU B 48 -2.19 25.47 -0.90
C LEU B 48 -1.68 25.39 -2.35
N GLU B 49 -0.36 25.23 -2.53
CA GLU B 49 0.31 25.11 -3.85
C GLU B 49 -0.27 23.90 -4.60
N VAL B 50 -0.33 22.74 -3.92
CA VAL B 50 -0.85 21.46 -4.49
C VAL B 50 -2.30 21.68 -4.92
N TYR B 51 -3.11 22.31 -4.06
CA TYR B 51 -4.52 22.67 -4.34
C TYR B 51 -4.59 23.49 -5.63
N ASP B 52 -3.84 24.61 -5.69
CA ASP B 52 -3.88 25.60 -6.80
C ASP B 52 -3.56 24.90 -8.12
N ILE B 53 -2.52 24.05 -8.13
CA ILE B 53 -2.02 23.34 -9.34
C ILE B 53 -3.06 22.31 -9.79
N CYS B 54 -3.76 21.69 -8.83
CA CYS B 54 -4.77 20.63 -9.09
C CYS B 54 -6.04 21.26 -9.70
N VAL B 55 -6.54 22.34 -9.10
CA VAL B 55 -7.70 23.13 -9.60
C VAL B 55 -7.39 23.63 -11.02
N LYS B 56 -6.12 23.94 -11.28
CA LYS B 56 -5.64 24.54 -12.56
C LYS B 56 -5.80 23.51 -13.70
N ILE B 57 -5.17 22.34 -13.56
CA ILE B 57 -5.15 21.26 -14.59
C ILE B 57 -6.44 20.43 -14.48
N GLY B 58 -7.28 20.74 -13.49
CA GLY B 58 -8.63 20.16 -13.32
C GLY B 58 -8.57 18.71 -12.89
N ILE B 59 -7.91 18.44 -11.75
CA ILE B 59 -8.03 17.18 -10.98
C ILE B 59 -9.37 17.17 -10.24
N GLY B 60 -10.09 16.05 -10.29
CA GLY B 60 -11.44 15.89 -9.71
C GLY B 60 -11.40 15.90 -8.20
N GLU B 61 -10.46 15.14 -7.61
CA GLU B 61 -10.43 14.83 -6.16
C GLU B 61 -8.98 14.76 -5.68
N VAL B 62 -8.69 15.34 -4.51
CA VAL B 62 -7.40 15.17 -3.77
C VAL B 62 -7.73 14.79 -2.33
N THR B 63 -7.12 13.73 -1.80
CA THR B 63 -7.17 13.34 -0.37
C THR B 63 -5.81 13.61 0.27
N PHE B 64 -5.78 14.52 1.26
CA PHE B 64 -4.61 14.83 2.10
C PHE B 64 -4.61 13.91 3.32
N PHE B 65 -3.49 13.23 3.56
CA PHE B 65 -3.10 12.63 4.85
C PHE B 65 -2.81 13.75 5.86
N GLY B 66 -3.75 14.02 6.76
CA GLY B 66 -3.60 15.03 7.82
C GLY B 66 -2.79 14.49 8.98
N PHE B 67 -3.42 13.71 9.86
CA PHE B 67 -2.75 12.85 10.87
C PHE B 67 -3.66 11.67 11.20
N THR B 68 -3.07 10.63 11.80
CA THR B 68 -3.75 9.36 12.15
C THR B 68 -3.74 9.20 13.67
N GLN B 69 -4.48 8.22 14.18
CA GLN B 69 -4.55 7.87 15.63
C GLN B 69 -3.17 7.36 16.09
N ASP B 70 -2.38 6.81 15.17
CA ASP B 70 -0.99 6.36 15.43
C ASP B 70 -0.11 7.59 15.70
N ASN B 71 -0.33 8.68 14.94
CA ASN B 71 0.49 9.92 15.00
C ASN B 71 0.29 10.61 16.36
N THR B 72 -0.84 10.38 17.02
CA THR B 72 -1.22 11.00 18.31
C THR B 72 -0.37 10.40 19.44
N LYS B 73 0.30 9.27 19.17
CA LYS B 73 1.19 8.56 20.14
C LYS B 73 2.56 9.25 20.18
N ARG B 74 2.79 10.23 19.30
CA ARG B 74 4.03 11.05 19.26
C ARG B 74 3.94 12.15 20.33
N PRO B 75 5.08 12.73 20.76
CA PRO B 75 5.10 13.70 21.85
C PRO B 75 4.08 14.83 21.66
N GLN B 76 3.62 15.41 22.77
CA GLN B 76 2.47 16.36 22.82
C GLN B 76 2.80 17.64 22.03
N ILE B 77 4.06 18.07 22.08
CA ILE B 77 4.55 19.32 21.42
C ILE B 77 4.49 19.15 19.88
N GLN B 78 4.64 17.91 19.40
CA GLN B 78 4.53 17.56 17.95
C GLN B 78 3.06 17.49 17.56
N ARG B 79 2.24 16.79 18.36
CA ARG B 79 0.79 16.57 18.11
C ARG B 79 0.09 17.92 17.97
N LYS B 80 0.35 18.84 18.90
CA LYS B 80 -0.14 20.24 18.88
C LYS B 80 0.22 20.87 17.52
N ALA B 81 1.47 20.70 17.09
CA ALA B 81 2.06 21.39 15.92
C ALA B 81 1.35 20.96 14.63
N PHE B 82 1.17 19.64 14.45
CA PHE B 82 0.63 19.06 13.18
C PHE B 82 -0.90 19.15 13.18
N THR B 83 -1.53 19.16 14.36
CA THR B 83 -2.99 19.36 14.53
C THR B 83 -3.34 20.81 14.15
N ASP B 84 -2.58 21.79 14.69
CA ASP B 84 -2.72 23.23 14.39
C ASP B 84 -2.48 23.46 12.89
N ALA B 85 -1.41 22.86 12.35
CA ALA B 85 -1.01 22.94 10.92
C ALA B 85 -2.15 22.37 10.05
N CYS B 86 -2.73 21.25 10.46
CA CYS B 86 -3.87 20.58 9.77
C CYS B 86 -5.10 21.50 9.80
N ILE B 87 -5.48 21.98 11.00
CA ILE B 87 -6.65 22.90 11.20
C ILE B 87 -6.52 24.07 10.23
N LYS B 88 -5.37 24.73 10.22
CA LYS B 88 -5.08 25.93 9.38
C LYS B 88 -5.20 25.55 7.90
N SER B 89 -4.68 24.37 7.53
CA SER B 89 -4.65 23.85 6.13
C SER B 89 -6.09 23.69 5.61
N VAL B 90 -6.98 23.09 6.41
CA VAL B 90 -8.42 22.89 6.07
C VAL B 90 -9.08 24.26 5.94
N GLN B 91 -8.85 25.15 6.90
CA GLN B 91 -9.48 26.50 6.99
C GLN B 91 -9.10 27.33 5.76
N GLU B 92 -7.84 27.23 5.31
CA GLU B 92 -7.29 28.02 4.19
C GLU B 92 -7.84 27.49 2.86
N ILE B 93 -8.18 26.19 2.82
CA ILE B 93 -8.80 25.52 1.64
C ILE B 93 -10.31 25.79 1.67
N ALA B 94 -10.89 25.97 2.86
CA ALA B 94 -12.30 26.35 3.09
C ALA B 94 -12.57 27.72 2.44
N LYS B 95 -11.63 28.66 2.58
CA LYS B 95 -11.69 30.01 1.94
C LYS B 95 -11.89 29.85 0.43
N ARG B 96 -11.18 28.92 -0.19
CA ARG B 96 -11.14 28.73 -1.67
C ARG B 96 -12.41 27.98 -2.13
N ASP B 97 -12.53 27.74 -3.44
CA ASP B 97 -13.74 27.17 -4.08
C ASP B 97 -13.59 25.65 -4.20
N ALA B 98 -13.97 24.91 -3.15
CA ALA B 98 -13.66 23.47 -2.97
C ALA B 98 -14.79 22.78 -2.19
N GLU B 99 -15.12 21.53 -2.58
CA GLU B 99 -16.02 20.62 -1.82
C GLU B 99 -15.20 19.84 -0.80
N ILE B 100 -15.24 20.25 0.47
CA ILE B 100 -14.34 19.78 1.56
C ILE B 100 -15.05 18.67 2.34
N LEU B 101 -14.33 17.58 2.62
CA LEU B 101 -14.77 16.50 3.55
C LEU B 101 -13.61 16.14 4.48
N VAL B 102 -13.88 16.04 5.77
CA VAL B 102 -12.93 15.52 6.80
C VAL B 102 -13.45 14.17 7.30
N VAL B 103 -12.63 13.13 7.16
CA VAL B 103 -12.92 11.76 7.65
C VAL B 103 -11.95 11.45 8.79
N GLY B 104 -12.45 10.90 9.90
CA GLY B 104 -11.66 10.56 11.09
C GLY B 104 -12.53 10.34 12.31
N ASN B 105 -11.95 9.81 13.38
CA ASN B 105 -12.65 9.43 14.63
C ASN B 105 -12.97 10.71 15.42
N THR B 106 -14.21 11.20 15.31
CA THR B 106 -14.72 12.41 16.00
C THR B 106 -14.98 12.09 17.48
N ASN B 107 -15.32 10.83 17.78
CA ASN B 107 -15.59 10.33 19.16
C ASN B 107 -14.28 10.29 19.94
N SER B 108 -13.64 11.44 20.14
CA SER B 108 -12.30 11.59 20.77
C SER B 108 -12.04 13.05 21.17
N ASP B 109 -11.39 13.25 22.32
CA ASP B 109 -10.87 14.56 22.79
C ASP B 109 -9.89 15.13 21.76
N ILE B 110 -9.24 14.25 20.99
CA ILE B 110 -8.09 14.58 20.10
C ILE B 110 -8.60 15.34 18.87
N PHE B 111 -9.80 14.98 18.38
CA PHE B 111 -10.40 15.55 17.15
C PHE B 111 -10.72 17.03 17.38
N PRO B 112 -10.19 17.95 16.55
CA PRO B 112 -10.40 19.38 16.73
C PRO B 112 -11.85 19.80 16.41
N GLU B 113 -12.50 20.47 17.37
CA GLU B 113 -13.91 20.93 17.27
C GLU B 113 -14.08 21.80 16.02
N GLU B 114 -13.03 22.55 15.65
CA GLU B 114 -13.04 23.52 14.51
C GLU B 114 -13.47 22.80 13.22
N LEU B 115 -13.17 21.50 13.11
CA LEU B 115 -13.22 20.72 11.83
C LEU B 115 -14.50 19.84 11.79
N LEU B 116 -15.24 19.78 12.90
CA LEU B 116 -16.44 18.91 13.06
C LEU B 116 -17.48 19.25 11.97
N GLU B 117 -17.49 20.50 11.50
CA GLU B 117 -18.51 21.04 10.56
C GLU B 117 -18.22 20.55 9.13
N TYR B 118 -17.05 19.94 8.91
CA TYR B 118 -16.55 19.50 7.57
C TYR B 118 -16.70 17.98 7.43
N THR B 119 -17.14 17.31 8.49
CA THR B 119 -17.31 15.82 8.56
C THR B 119 -18.53 15.42 7.73
N LYS B 120 -19.22 16.39 7.13
CA LYS B 120 -20.16 16.19 6.00
C LYS B 120 -19.76 17.15 4.87
N ARG B 121 -19.71 16.65 3.63
CA ARG B 121 -19.15 17.37 2.45
C ARG B 121 -19.88 18.70 2.27
N THR B 122 -19.13 19.82 2.28
CA THR B 122 -19.63 21.20 2.04
C THR B 122 -19.73 21.45 0.54
N LYS B 123 -20.67 22.31 0.12
CA LYS B 123 -20.85 22.76 -1.29
C LYS B 123 -21.06 21.54 -2.19
N VAL B 124 -21.71 20.50 -1.67
CA VAL B 124 -21.99 19.21 -2.39
C VAL B 124 -22.65 19.53 -3.74
N GLY B 125 -22.19 18.84 -4.80
CA GLY B 125 -22.80 18.91 -6.15
C GLY B 125 -22.91 20.33 -6.66
N LYS B 126 -21.83 21.11 -6.54
CA LYS B 126 -21.67 22.45 -7.18
C LYS B 126 -20.73 22.32 -8.39
N GLY B 127 -20.36 21.08 -8.75
CA GLY B 127 -19.46 20.77 -9.88
C GLY B 127 -18.09 21.39 -9.69
N LYS B 128 -17.51 21.25 -8.50
CA LYS B 128 -16.20 21.85 -8.11
C LYS B 128 -15.31 20.76 -7.48
N ILE B 129 -13.99 20.98 -7.48
CA ILE B 129 -12.96 20.00 -6.99
C ILE B 129 -13.36 19.54 -5.59
N LYS B 130 -13.12 18.25 -5.29
CA LYS B 130 -13.30 17.63 -3.95
C LYS B 130 -11.94 17.54 -3.26
N ILE B 131 -11.84 18.04 -2.03
CA ILE B 131 -10.63 17.96 -1.17
C ILE B 131 -11.00 17.25 0.13
N ASN B 132 -10.40 16.09 0.37
CA ASN B 132 -10.61 15.27 1.60
C ASN B 132 -9.39 15.43 2.51
N PHE B 133 -9.62 15.46 3.82
CA PHE B 133 -8.57 15.45 4.87
C PHE B 133 -8.81 14.27 5.81
N LEU B 134 -7.76 13.48 6.04
CA LEU B 134 -7.74 12.42 7.08
C LEU B 134 -7.25 13.02 8.39
N ILE B 135 -8.15 13.17 9.36
CA ILE B 135 -7.92 13.87 10.66
C ILE B 135 -8.31 12.92 11.80
N ASN B 136 -7.34 12.50 12.61
CA ASN B 136 -7.50 11.46 13.65
C ASN B 136 -8.03 10.18 12.98
N TYR B 137 -7.50 9.86 11.79
CA TYR B 137 -7.88 8.68 10.98
C TYR B 137 -7.14 7.44 11.50
N GLY B 138 -7.77 6.28 11.39
CA GLY B 138 -7.15 4.96 11.57
C GLY B 138 -7.71 3.95 10.60
N TRP B 139 -6.84 3.18 9.95
CA TRP B 139 -7.22 2.11 8.99
C TRP B 139 -8.15 1.10 9.71
N TYR B 140 -7.77 0.71 10.93
CA TYR B 140 -8.50 -0.26 11.78
C TYR B 140 -9.88 0.31 12.14
N TRP B 141 -9.89 1.55 12.66
CA TRP B 141 -11.11 2.34 12.94
C TRP B 141 -11.99 2.40 11.69
N ASP B 142 -11.38 2.60 10.53
CA ASP B 142 -12.07 2.78 9.21
C ASP B 142 -12.80 1.47 8.85
N LEU B 143 -12.08 0.34 8.87
CA LEU B 143 -12.60 -0.98 8.40
C LEU B 143 -13.66 -1.49 9.38
N THR B 144 -13.41 -1.37 10.69
CA THR B 144 -14.26 -1.91 11.78
C THR B 144 -15.48 -1.00 11.98
N TYR B 145 -15.52 0.15 11.29
CA TYR B 145 -16.64 1.13 11.32
C TYR B 145 -17.92 0.48 10.77
N ALA B 146 -17.77 -0.39 9.76
CA ALA B 146 -18.87 -1.15 9.11
C ALA B 146 -19.78 -1.75 10.18
N TYR B 147 -19.23 -2.60 11.05
CA TYR B 147 -19.90 -3.16 12.26
C TYR B 147 -18.88 -4.00 13.06
N LYS B 155 -22.22 -5.07 1.99
CA LYS B 155 -22.54 -3.97 2.94
C LYS B 155 -21.23 -3.29 3.39
N MET B 156 -20.31 -4.05 3.98
CA MET B 156 -19.12 -3.55 4.71
C MET B 156 -18.41 -2.48 3.87
N ILE B 157 -17.99 -2.84 2.65
CA ILE B 157 -17.14 -2.01 1.75
C ILE B 157 -17.81 -0.64 1.54
N GLU B 158 -19.15 -0.61 1.56
CA GLU B 158 -19.97 0.61 1.35
C GLU B 158 -20.09 1.38 2.68
N ASN B 159 -19.75 0.73 3.80
CA ASN B 159 -20.14 1.15 5.18
C ASN B 159 -18.90 1.47 6.01
N ILE B 160 -17.69 1.30 5.44
CA ILE B 160 -16.41 1.78 6.05
C ILE B 160 -16.50 3.30 6.24
N ALA B 161 -15.83 3.82 7.27
CA ALA B 161 -15.83 5.26 7.63
C ALA B 161 -15.57 6.12 6.38
N SER B 162 -14.65 5.67 5.51
CA SER B 162 -14.07 6.46 4.40
C SER B 162 -14.81 6.17 3.09
N ALA B 163 -16.06 5.71 3.18
CA ALA B 163 -16.86 5.16 2.04
C ALA B 163 -17.05 6.24 0.96
N GLU B 164 -17.15 7.51 1.38
CA GLU B 164 -17.41 8.67 0.49
C GLU B 164 -16.15 8.96 -0.37
N ILE B 165 -14.97 8.55 0.11
CA ILE B 165 -13.66 8.72 -0.58
C ILE B 165 -13.48 7.54 -1.55
N PRO B 166 -13.44 7.82 -2.88
CA PRO B 166 -13.35 6.75 -3.87
C PRO B 166 -11.92 6.20 -4.06
N ARG B 167 -11.77 5.23 -4.96
CA ARG B 167 -10.47 4.62 -5.34
C ARG B 167 -9.44 5.71 -5.58
N VAL B 168 -8.20 5.49 -5.10
CA VAL B 168 -7.03 6.40 -5.32
C VAL B 168 -6.25 5.91 -6.53
N ASP B 169 -6.05 6.78 -7.53
CA ASP B 169 -5.35 6.46 -8.81
C ASP B 169 -3.85 6.69 -8.65
N LEU B 170 -3.47 7.86 -8.10
CA LEU B 170 -2.06 8.25 -7.85
C LEU B 170 -1.91 8.68 -6.39
N LEU B 171 -0.96 8.07 -5.68
CA LEU B 171 -0.52 8.49 -4.32
C LEU B 171 0.88 9.06 -4.42
N ILE B 172 1.08 10.28 -3.91
CA ILE B 172 2.40 10.97 -3.85
C ILE B 172 2.77 11.18 -2.39
N ARG B 173 3.91 10.63 -1.97
CA ARG B 173 4.46 10.76 -0.60
C ARG B 173 5.79 11.52 -0.65
N TRP B 174 5.91 12.55 0.18
CA TRP B 174 7.17 13.31 0.40
C TRP B 174 7.91 12.70 1.60
N GLY B 175 9.24 12.88 1.65
CA GLY B 175 10.09 12.46 2.78
C GLY B 175 10.76 11.12 2.54
N GLY B 176 10.70 10.59 1.30
CA GLY B 176 11.62 9.57 0.78
C GLY B 176 11.24 8.15 1.20
N ARG B 177 10.27 8.01 2.11
CA ARG B 177 9.76 6.70 2.60
C ARG B 177 8.65 6.20 1.68
N CYS B 178 8.71 4.92 1.29
CA CYS B 178 7.76 4.26 0.36
C CYS B 178 6.86 3.30 1.14
N ARG B 179 5.79 3.82 1.73
CA ARG B 179 4.78 3.07 2.52
C ARG B 179 3.51 3.91 2.63
N LEU B 180 2.39 3.30 3.03
CA LEU B 180 1.05 3.95 3.08
C LEU B 180 0.81 4.53 4.49
N SER B 181 1.59 4.10 5.48
CA SER B 181 1.40 4.42 6.92
C SER B 181 -0.09 4.33 7.27
N GLY B 182 -0.79 3.33 6.72
CA GLY B 182 -2.18 2.98 7.06
C GLY B 182 -3.19 3.95 6.48
N MET B 183 -2.89 4.54 5.32
CA MET B 183 -3.79 5.45 4.58
C MET B 183 -4.70 4.63 3.65
N LEU B 184 -6.01 4.62 3.94
CA LEU B 184 -7.09 4.16 3.01
C LEU B 184 -6.71 2.82 2.39
N PRO B 185 -6.59 1.74 3.20
CA PRO B 185 -6.20 0.43 2.68
C PRO B 185 -7.09 -0.04 1.51
N VAL B 186 -8.39 0.21 1.59
CA VAL B 186 -9.40 -0.20 0.56
C VAL B 186 -9.12 0.57 -0.75
N GLN B 187 -8.97 1.89 -0.67
CA GLN B 187 -8.95 2.81 -1.84
C GLN B 187 -7.58 2.76 -2.54
N THR B 188 -6.55 2.23 -1.86
CA THR B 188 -5.12 2.32 -2.29
C THR B 188 -4.64 0.97 -2.86
N VAL B 189 -5.50 -0.06 -2.87
CA VAL B 189 -5.14 -1.47 -3.25
C VAL B 189 -4.39 -1.47 -4.59
N TYR B 190 -4.79 -0.62 -5.54
CA TYR B 190 -4.31 -0.62 -6.94
C TYR B 190 -3.53 0.67 -7.25
N SER B 191 -3.52 1.62 -6.30
CA SER B 191 -2.90 2.96 -6.44
C SER B 191 -1.45 2.82 -6.92
N ASP B 192 -1.07 3.59 -7.96
CA ASP B 192 0.33 3.85 -8.33
C ASP B 192 0.95 4.81 -7.31
N ILE B 193 2.09 4.45 -6.74
CA ILE B 193 2.78 5.21 -5.66
C ILE B 193 4.02 5.89 -6.25
N TYR B 194 4.13 7.21 -6.08
CA TYR B 194 5.32 8.02 -6.43
C TYR B 194 5.89 8.66 -5.16
N VAL B 195 7.17 8.39 -4.88
CA VAL B 195 7.89 8.89 -3.68
C VAL B 195 8.78 10.07 -4.07
N VAL B 196 8.58 11.22 -3.43
CA VAL B 196 9.50 12.39 -3.47
C VAL B 196 10.47 12.28 -2.29
N ASP B 197 11.77 12.34 -2.56
CA ASP B 197 12.84 12.17 -1.54
C ASP B 197 12.89 13.42 -0.66
N GLU B 198 12.61 14.59 -1.24
CA GLU B 198 12.59 15.90 -0.54
C GLU B 198 11.45 15.91 0.48
N MET B 199 11.68 16.55 1.63
CA MET B 199 10.69 16.68 2.72
C MET B 199 9.55 17.58 2.27
N TRP B 200 8.35 17.36 2.82
CA TRP B 200 7.08 18.02 2.39
C TRP B 200 7.27 19.54 2.33
N PRO B 201 7.84 20.18 3.37
CA PRO B 201 7.99 21.64 3.39
C PRO B 201 8.89 22.16 2.27
N ASP B 202 9.68 21.28 1.65
CA ASP B 202 10.57 21.58 0.50
C ASP B 202 9.83 21.30 -0.81
N PHE B 203 8.49 21.21 -0.76
CA PHE B 203 7.62 20.99 -1.94
C PHE B 203 8.02 21.95 -3.06
N LYS B 204 8.14 21.43 -4.28
CA LYS B 204 8.28 22.21 -5.53
C LYS B 204 7.19 21.75 -6.51
N PRO B 205 6.62 22.67 -7.32
CA PRO B 205 5.67 22.29 -8.36
C PRO B 205 6.16 21.13 -9.23
N GLU B 206 7.49 21.07 -9.47
CA GLU B 206 8.17 20.02 -10.28
C GLU B 206 7.86 18.63 -9.69
N HIS B 207 7.79 18.52 -8.35
CA HIS B 207 7.50 17.26 -7.62
C HIS B 207 6.17 16.68 -8.11
N LEU B 208 5.12 17.50 -8.15
CA LEU B 208 3.76 17.11 -8.56
C LEU B 208 3.74 16.78 -10.05
N PHE B 209 4.40 17.59 -10.88
CA PHE B 209 4.48 17.44 -12.35
C PHE B 209 5.16 16.11 -12.69
N LYS B 210 6.25 15.79 -11.99
CA LYS B 210 7.04 14.55 -12.18
C LYS B 210 6.21 13.33 -11.79
N ALA B 211 5.34 13.47 -10.78
CA ALA B 211 4.42 12.41 -10.29
C ALA B 211 3.33 12.16 -11.34
N LEU B 212 2.79 13.23 -11.94
CA LEU B 212 1.74 13.18 -12.99
C LEU B 212 2.33 12.59 -14.28
N GLU B 213 3.63 12.86 -14.55
CA GLU B 213 4.40 12.30 -15.69
C GLU B 213 4.57 10.79 -15.48
N PHE B 214 4.93 10.38 -14.27
CA PHE B 214 5.07 8.96 -13.86
C PHE B 214 3.75 8.23 -14.10
N TYR B 215 2.62 8.86 -13.76
CA TYR B 215 1.27 8.26 -13.79
C TYR B 215 0.85 7.99 -15.25
N GLN B 216 1.14 8.92 -16.15
CA GLN B 216 0.68 8.91 -17.57
C GLN B 216 1.53 7.91 -18.37
N ASN B 217 2.68 7.48 -17.81
CA ASN B 217 3.63 6.54 -18.45
C ASN B 217 3.24 5.10 -18.12
N GLN B 218 2.13 4.91 -17.41
CA GLN B 218 1.61 3.58 -16.98
C GLN B 218 0.59 3.08 -18.01
#